data_2E2P
#
_entry.id   2E2P
#
_cell.length_a   82.683
_cell.length_b   50.043
_cell.length_c   83.192
_cell.angle_alpha   90.00
_cell.angle_beta   114.80
_cell.angle_gamma   90.00
#
_symmetry.space_group_name_H-M   'P 1 21 1'
#
loop_
_entity.id
_entity.type
_entity.pdbx_description
1 polymer HEXOKINASE
2 non-polymer 'SULFATE ION'
3 non-polymer "ADENOSINE-5'-DIPHOSPHATE"
4 non-polymer '4-(2-HYDROXYETHYL)-1-PIPERAZINE ETHANESULFONIC ACID'
5 water water
#
_entity_poly.entity_id   1
_entity_poly.type   'polypeptide(L)'
_entity_poly.pdbx_seq_one_letter_code
;MMIIVGVDAGGTKTKAVAYDCEGNFIGEGSSGPGNYHNVGLTRAIENIKEAVKIAAKGEADVVGMGVAGLDSKFDWENFT
PLASLIAPKVIIQHDGVIALFAETLGEPGVVVIAGTGSVVEGYNGKEFLRVGGRGWLLSDDGSAYWVGRKALRKVLKMMD
GLENKTILYNKVLKTINVKDLDELVMWSYTSSCQIDLVASIAKAVDEAANEGDTVAMDILKQGAELLASQAVYLARKIGT
NKVYLKGGMFRSNIYHKFFTLYLEKEGIISDLGKRSPEIGAVILAYKEVGCDIKKLISD
;
_entity_poly.pdbx_strand_id   A,B
#
loop_
_chem_comp.id
_chem_comp.type
_chem_comp.name
_chem_comp.formula
ADP non-polymer ADENOSINE-5'-DIPHOSPHATE 'C10 H15 N5 O10 P2'
EPE non-polymer '4-(2-HYDROXYETHYL)-1-PIPERAZINE ETHANESULFONIC ACID' 'C8 H18 N2 O4 S'
SO4 non-polymer 'SULFATE ION' 'O4 S -2'
#
# COMPACT_ATOMS: atom_id res chain seq x y z
N MET A 1 -50.68 11.59 -2.12
CA MET A 1 -49.76 11.11 -1.06
C MET A 1 -48.57 10.34 -1.64
N MET A 2 -47.49 11.05 -1.93
CA MET A 2 -46.29 10.46 -2.50
C MET A 2 -45.32 10.08 -1.39
N ILE A 3 -44.77 8.88 -1.46
CA ILE A 3 -43.82 8.43 -0.45
C ILE A 3 -42.40 8.46 -1.03
N ILE A 4 -41.60 9.38 -0.50
CA ILE A 4 -40.23 9.59 -0.93
C ILE A 4 -39.26 9.08 0.15
N VAL A 5 -38.34 8.22 -0.26
CA VAL A 5 -37.36 7.64 0.67
C VAL A 5 -35.91 8.01 0.31
N GLY A 6 -35.18 8.50 1.32
CA GLY A 6 -33.77 8.84 1.12
C GLY A 6 -32.98 7.69 1.72
N VAL A 7 -32.03 7.16 0.98
CA VAL A 7 -31.24 6.03 1.46
C VAL A 7 -29.72 6.25 1.40
N ASP A 8 -29.05 5.89 2.48
CA ASP A 8 -27.59 5.96 2.55
C ASP A 8 -27.14 4.52 2.63
N ALA A 9 -26.69 3.97 1.51
CA ALA A 9 -26.25 2.59 1.46
C ALA A 9 -24.74 2.50 1.63
N GLY A 10 -24.30 2.25 2.85
CA GLY A 10 -22.87 2.18 3.15
C GLY A 10 -22.24 0.80 3.22
N GLY A 11 -20.94 0.79 3.55
CA GLY A 11 -20.21 -0.45 3.65
C GLY A 11 -20.51 -1.26 4.90
N THR A 12 -20.97 -0.58 5.95
CA THR A 12 -21.28 -1.24 7.20
C THR A 12 -22.79 -1.47 7.35
N LYS A 13 -23.59 -0.47 6.97
CA LYS A 13 -25.03 -0.61 7.06
C LYS A 13 -25.76 0.38 6.17
N THR A 14 -27.06 0.19 6.05
CA THR A 14 -27.88 1.06 5.22
C THR A 14 -28.98 1.74 6.05
N LYS A 15 -29.07 3.06 5.93
CA LYS A 15 -30.06 3.84 6.65
C LYS A 15 -31.04 4.47 5.67
N ALA A 16 -32.30 4.50 6.05
CA ALA A 16 -33.33 5.07 5.19
C ALA A 16 -34.33 5.90 5.99
N VAL A 17 -34.75 7.01 5.42
CA VAL A 17 -35.75 7.87 6.07
C VAL A 17 -36.81 8.15 5.01
N ALA A 18 -38.07 8.14 5.43
CA ALA A 18 -39.19 8.38 4.53
C ALA A 18 -39.92 9.68 4.88
N TYR A 19 -40.37 10.37 3.84
CA TYR A 19 -41.10 11.64 3.96
C TYR A 19 -42.11 11.70 2.83
N ASP A 20 -43.12 12.58 2.97
CA ASP A 20 -44.05 12.74 1.87
C ASP A 20 -43.46 13.88 1.05
N CYS A 21 -44.21 14.42 0.09
CA CYS A 21 -43.71 15.52 -0.74
C CYS A 21 -43.89 16.86 -0.05
N GLU A 22 -44.56 16.84 1.11
CA GLU A 22 -44.81 18.06 1.86
C GLU A 22 -43.88 18.25 3.05
N GLY A 23 -42.81 17.46 3.10
CA GLY A 23 -41.84 17.60 4.18
C GLY A 23 -42.21 16.92 5.48
N ASN A 24 -43.24 16.09 5.46
CA ASN A 24 -43.66 15.39 6.67
C ASN A 24 -42.93 14.06 6.83
N PHE A 25 -42.34 13.87 7.99
CA PHE A 25 -41.61 12.63 8.28
C PHE A 25 -42.58 11.46 8.32
N ILE A 26 -42.22 10.38 7.65
CA ILE A 26 -43.06 9.19 7.61
C ILE A 26 -42.50 8.08 8.49
N GLY A 27 -41.18 7.85 8.40
CA GLY A 27 -40.56 6.80 9.19
C GLY A 27 -39.13 6.54 8.78
N GLU A 28 -38.46 5.66 9.52
CA GLU A 28 -37.06 5.34 9.24
C GLU A 28 -36.79 3.85 9.43
N GLY A 29 -35.73 3.36 8.79
CA GLY A 29 -35.37 1.96 8.91
C GLY A 29 -33.91 1.73 8.60
N SER A 30 -33.38 0.56 9.01
CA SER A 30 -31.99 0.22 8.79
C SER A 30 -31.83 -1.24 8.38
N SER A 31 -30.73 -1.54 7.70
CA SER A 31 -30.44 -2.89 7.26
C SER A 31 -28.92 -3.04 7.11
N GLY A 32 -28.48 -4.17 6.58
CA GLY A 32 -27.06 -4.42 6.41
C GLY A 32 -26.38 -3.55 5.36
N PRO A 33 -25.12 -3.87 5.03
CA PRO A 33 -24.33 -3.13 4.05
C PRO A 33 -25.03 -2.96 2.70
N GLY A 34 -24.87 -1.77 2.12
CA GLY A 34 -25.45 -1.50 0.83
C GLY A 34 -24.36 -1.53 -0.24
N ASN A 35 -23.11 -1.67 0.20
CA ASN A 35 -21.96 -1.74 -0.70
C ASN A 35 -21.85 -3.17 -1.21
N TYR A 36 -22.20 -3.38 -2.47
CA TYR A 36 -22.17 -4.73 -3.03
C TYR A 36 -20.81 -5.41 -3.05
N HIS A 37 -19.73 -4.64 -2.86
CA HIS A 37 -18.41 -5.24 -2.84
C HIS A 37 -18.22 -6.00 -1.53
N ASN A 38 -18.96 -5.60 -0.51
CA ASN A 38 -18.85 -6.22 0.82
C ASN A 38 -19.75 -7.43 1.05
N VAL A 39 -20.93 -7.44 0.43
CA VAL A 39 -21.86 -8.54 0.63
C VAL A 39 -22.42 -9.16 -0.64
N GLY A 40 -21.92 -8.72 -1.79
CA GLY A 40 -22.42 -9.26 -3.05
C GLY A 40 -23.59 -8.44 -3.54
N LEU A 41 -23.78 -8.44 -4.86
CA LEU A 41 -24.85 -7.68 -5.49
C LEU A 41 -26.26 -7.95 -4.99
N THR A 42 -26.65 -9.23 -4.96
CA THR A 42 -28.00 -9.60 -4.51
C THR A 42 -28.30 -9.17 -3.07
N ARG A 43 -27.36 -9.42 -2.17
CA ARG A 43 -27.56 -9.08 -0.77
C ARG A 43 -27.59 -7.58 -0.51
N ALA A 44 -26.82 -6.82 -1.29
CA ALA A 44 -26.79 -5.38 -1.12
C ALA A 44 -28.14 -4.79 -1.53
N ILE A 45 -28.67 -5.27 -2.65
CA ILE A 45 -29.95 -4.81 -3.17
C ILE A 45 -31.04 -5.17 -2.16
N GLU A 46 -30.91 -6.39 -1.63
CA GLU A 46 -31.85 -6.91 -0.64
C GLU A 46 -31.90 -6.03 0.61
N ASN A 47 -30.73 -5.63 1.11
CA ASN A 47 -30.66 -4.79 2.30
C ASN A 47 -31.23 -3.40 2.03
N ILE A 48 -30.91 -2.83 0.87
CA ILE A 48 -31.41 -1.51 0.53
C ILE A 48 -32.93 -1.57 0.47
N LYS A 49 -33.48 -2.60 -0.18
CA LYS A 49 -34.93 -2.71 -0.26
C LYS A 49 -35.55 -2.85 1.13
N GLU A 50 -34.92 -3.61 2.01
CA GLU A 50 -35.43 -3.80 3.36
C GLU A 50 -35.53 -2.48 4.11
N ALA A 51 -34.44 -1.71 4.08
CA ALA A 51 -34.39 -0.42 4.73
C ALA A 51 -35.51 0.47 4.20
N VAL A 52 -35.62 0.53 2.88
CA VAL A 52 -36.65 1.36 2.25
C VAL A 52 -38.03 0.93 2.73
N LYS A 53 -38.32 -0.36 2.65
CA LYS A 53 -39.64 -0.86 3.05
C LYS A 53 -39.95 -0.57 4.52
N ILE A 54 -38.97 -0.68 5.39
CA ILE A 54 -39.18 -0.41 6.81
C ILE A 54 -39.48 1.06 7.08
N ALA A 55 -38.71 1.95 6.45
CA ALA A 55 -38.91 3.38 6.65
C ALA A 55 -40.24 3.86 6.06
N ALA A 56 -40.59 3.37 4.88
CA ALA A 56 -41.83 3.77 4.21
C ALA A 56 -43.02 2.95 4.67
N LYS A 57 -42.75 1.91 5.47
CA LYS A 57 -43.79 1.04 5.97
C LYS A 57 -44.57 0.43 4.82
N GLY A 58 -43.85 0.03 3.78
CA GLY A 58 -44.47 -0.56 2.62
C GLY A 58 -43.73 -0.15 1.36
N GLU A 59 -44.48 0.04 0.28
CA GLU A 59 -43.87 0.44 -0.99
C GLU A 59 -43.60 1.94 -1.01
N ALA A 60 -42.57 2.33 -1.76
CA ALA A 60 -42.21 3.73 -1.88
C ALA A 60 -42.49 4.18 -3.31
N ASP A 61 -42.79 5.46 -3.49
CA ASP A 61 -43.05 6.00 -4.81
C ASP A 61 -41.74 6.45 -5.45
N VAL A 62 -40.89 7.06 -4.63
CA VAL A 62 -39.61 7.57 -5.09
C VAL A 62 -38.51 7.26 -4.08
N VAL A 63 -37.38 6.78 -4.58
CA VAL A 63 -36.25 6.46 -3.73
C VAL A 63 -34.96 7.11 -4.24
N GLY A 64 -34.38 7.93 -3.38
CA GLY A 64 -33.13 8.58 -3.72
C GLY A 64 -32.10 7.82 -2.90
N MET A 65 -31.01 7.38 -3.51
CA MET A 65 -30.01 6.64 -2.75
C MET A 65 -28.57 7.03 -3.06
N GLY A 66 -27.76 7.08 -2.00
CA GLY A 66 -26.35 7.38 -2.12
C GLY A 66 -25.72 6.02 -1.87
N VAL A 67 -25.00 5.50 -2.86
CA VAL A 67 -24.42 4.17 -2.71
C VAL A 67 -22.90 4.12 -2.70
N ALA A 68 -22.36 3.36 -1.75
CA ALA A 68 -20.93 3.20 -1.64
C ALA A 68 -20.50 2.05 -2.55
N GLY A 69 -19.30 2.16 -3.11
CA GLY A 69 -18.79 1.11 -3.98
C GLY A 69 -18.98 1.29 -5.47
N LEU A 70 -19.69 2.34 -5.89
CA LEU A 70 -19.90 2.57 -7.31
C LEU A 70 -18.75 3.44 -7.80
N ASP A 71 -17.54 2.89 -7.75
CA ASP A 71 -16.35 3.64 -8.12
C ASP A 71 -15.83 3.45 -9.54
N SER A 72 -16.58 2.73 -10.37
CA SER A 72 -16.21 2.51 -11.77
C SER A 72 -17.49 2.28 -12.57
N LYS A 73 -17.44 2.58 -13.86
CA LYS A 73 -18.60 2.40 -14.74
C LYS A 73 -19.13 0.97 -14.65
N PHE A 74 -18.22 0.03 -14.41
CA PHE A 74 -18.57 -1.38 -14.31
C PHE A 74 -19.48 -1.63 -13.11
N ASP A 75 -19.21 -0.92 -12.00
CA ASP A 75 -20.01 -1.07 -10.80
C ASP A 75 -21.43 -0.58 -11.09
N TRP A 76 -21.54 0.59 -11.70
CA TRP A 76 -22.84 1.16 -12.03
C TRP A 76 -23.64 0.22 -12.91
N GLU A 77 -22.99 -0.33 -13.94
CA GLU A 77 -23.66 -1.25 -14.85
C GLU A 77 -24.15 -2.49 -14.10
N ASN A 78 -23.42 -2.91 -13.08
CA ASN A 78 -23.80 -4.08 -12.29
C ASN A 78 -24.95 -3.75 -11.34
N PHE A 79 -24.87 -2.59 -10.70
CA PHE A 79 -25.82 -2.15 -9.69
C PHE A 79 -27.15 -1.56 -10.18
N THR A 80 -27.06 -0.54 -11.02
CA THR A 80 -28.24 0.18 -11.55
C THR A 80 -29.44 -0.64 -12.01
N PRO A 81 -29.22 -1.65 -12.87
CA PRO A 81 -30.35 -2.46 -13.36
C PRO A 81 -31.27 -3.01 -12.27
N LEU A 82 -30.67 -3.57 -11.22
CA LEU A 82 -31.46 -4.14 -10.13
C LEU A 82 -31.98 -3.09 -9.15
N ALA A 83 -31.13 -2.13 -8.80
CA ALA A 83 -31.50 -1.08 -7.87
C ALA A 83 -32.70 -0.28 -8.37
N SER A 84 -32.80 -0.14 -9.69
CA SER A 84 -33.89 0.61 -10.29
C SER A 84 -35.24 -0.07 -10.08
N LEU A 85 -35.21 -1.33 -9.65
CA LEU A 85 -36.45 -2.08 -9.43
C LEU A 85 -37.07 -1.84 -8.06
N ILE A 86 -36.30 -1.21 -7.17
CA ILE A 86 -36.78 -0.93 -5.82
C ILE A 86 -38.04 -0.07 -5.76
N ALA A 87 -38.21 0.82 -6.73
CA ALA A 87 -39.39 1.68 -6.79
C ALA A 87 -39.57 2.21 -8.22
N PRO A 88 -40.78 2.73 -8.54
CA PRO A 88 -41.06 3.27 -9.88
C PRO A 88 -40.04 4.32 -10.29
N LYS A 89 -39.66 5.19 -9.35
CA LYS A 89 -38.66 6.21 -9.61
C LYS A 89 -37.51 6.07 -8.62
N VAL A 90 -36.32 5.81 -9.14
CA VAL A 90 -35.13 5.66 -8.33
C VAL A 90 -33.98 6.53 -8.85
N ILE A 91 -33.42 7.37 -7.98
CA ILE A 91 -32.31 8.23 -8.38
C ILE A 91 -31.08 7.69 -7.64
N ILE A 92 -30.05 7.28 -8.38
CA ILE A 92 -28.84 6.71 -7.79
C ILE A 92 -27.57 7.54 -7.97
N GLN A 93 -26.89 7.82 -6.85
CA GLN A 93 -25.65 8.59 -6.91
C GLN A 93 -24.66 7.99 -5.93
N HIS A 94 -23.45 8.56 -5.90
CA HIS A 94 -22.40 8.12 -4.98
C HIS A 94 -22.81 8.50 -3.56
N ASP A 95 -22.35 7.72 -2.58
CA ASP A 95 -22.67 8.01 -1.20
C ASP A 95 -22.16 9.42 -0.85
N GLY A 96 -21.05 9.81 -1.47
CA GLY A 96 -20.49 11.12 -1.22
C GLY A 96 -21.37 12.25 -1.73
N VAL A 97 -22.16 11.97 -2.77
CA VAL A 97 -23.05 12.97 -3.33
C VAL A 97 -24.21 13.34 -2.40
N ILE A 98 -24.80 12.36 -1.74
CA ILE A 98 -25.89 12.70 -0.84
C ILE A 98 -25.35 13.42 0.40
N ALA A 99 -24.09 13.15 0.73
CA ALA A 99 -23.46 13.82 1.88
C ALA A 99 -23.34 15.31 1.52
N LEU A 100 -23.01 15.57 0.27
CA LEU A 100 -22.87 16.94 -0.23
C LEU A 100 -24.22 17.66 -0.22
N PHE A 101 -25.22 17.05 -0.86
CA PHE A 101 -26.55 17.63 -0.93
C PHE A 101 -27.19 17.85 0.43
N ALA A 102 -26.80 17.06 1.41
CA ALA A 102 -27.33 17.23 2.76
C ALA A 102 -26.96 18.62 3.22
N GLU A 103 -25.82 19.12 2.76
CA GLU A 103 -25.36 20.44 3.14
C GLU A 103 -25.74 21.54 2.15
N THR A 104 -25.59 21.29 0.85
CA THR A 104 -25.91 22.32 -0.15
C THR A 104 -27.40 22.41 -0.48
N LEU A 105 -28.17 21.45 0.02
CA LEU A 105 -29.60 21.42 -0.23
C LEU A 105 -29.87 21.32 -1.74
N GLY A 106 -29.00 20.60 -2.44
CA GLY A 106 -29.16 20.42 -3.88
C GLY A 106 -28.48 21.45 -4.77
N GLU A 107 -27.79 22.41 -4.15
CA GLU A 107 -27.11 23.45 -4.91
C GLU A 107 -25.66 23.07 -5.18
N PRO A 108 -25.00 23.78 -6.12
CA PRO A 108 -23.60 23.49 -6.44
C PRO A 108 -22.74 23.56 -5.18
N GLY A 109 -21.68 22.75 -5.14
CA GLY A 109 -20.81 22.75 -3.97
C GLY A 109 -19.79 21.63 -4.01
N VAL A 110 -18.97 21.58 -2.97
CA VAL A 110 -17.92 20.58 -2.86
C VAL A 110 -17.83 20.05 -1.44
N VAL A 111 -17.64 18.75 -1.30
CA VAL A 111 -17.50 18.16 0.02
C VAL A 111 -16.29 17.25 0.04
N VAL A 112 -15.56 17.30 1.14
CA VAL A 112 -14.38 16.45 1.33
C VAL A 112 -14.80 15.44 2.37
N ILE A 113 -14.67 14.16 2.06
CA ILE A 113 -15.02 13.14 3.03
C ILE A 113 -13.74 12.38 3.32
N ALA A 114 -13.20 12.61 4.52
CA ALA A 114 -11.96 11.94 4.89
C ALA A 114 -12.12 11.07 6.12
N GLY A 115 -12.26 9.77 5.88
CA GLY A 115 -12.40 8.80 6.95
C GLY A 115 -11.36 7.72 6.72
N THR A 116 -11.81 6.46 6.68
CA THR A 116 -10.91 5.34 6.45
C THR A 116 -10.25 5.58 5.09
N GLY A 117 -11.05 6.11 4.16
CA GLY A 117 -10.56 6.45 2.84
C GLY A 117 -10.83 7.94 2.67
N SER A 118 -10.62 8.48 1.47
CA SER A 118 -10.88 9.89 1.25
C SER A 118 -11.39 10.13 -0.16
N VAL A 119 -12.10 11.23 -0.35
CA VAL A 119 -12.63 11.59 -1.65
C VAL A 119 -13.14 13.03 -1.61
N VAL A 120 -13.22 13.67 -2.77
CA VAL A 120 -13.75 15.01 -2.85
C VAL A 120 -14.86 14.90 -3.91
N GLU A 121 -16.09 15.25 -3.51
CA GLU A 121 -17.23 15.18 -4.42
C GLU A 121 -17.75 16.59 -4.69
N GLY A 122 -18.25 16.82 -5.90
CA GLY A 122 -18.77 18.13 -6.22
C GLY A 122 -19.95 18.08 -7.19
N TYR A 123 -20.70 19.18 -7.22
CA TYR A 123 -21.84 19.31 -8.11
C TYR A 123 -21.77 20.72 -8.67
N ASN A 124 -21.88 20.85 -9.99
CA ASN A 124 -21.81 22.16 -10.62
C ASN A 124 -23.15 22.62 -11.19
N GLY A 125 -24.23 21.97 -10.78
CA GLY A 125 -25.54 22.36 -11.27
C GLY A 125 -25.92 21.61 -12.53
N LYS A 126 -24.93 20.96 -13.15
CA LYS A 126 -25.16 20.21 -14.37
C LYS A 126 -24.81 18.75 -14.20
N GLU A 127 -23.71 18.50 -13.50
CA GLU A 127 -23.25 17.14 -13.29
C GLU A 127 -22.44 17.03 -11.99
N PHE A 128 -22.13 15.80 -11.62
CA PHE A 128 -21.37 15.53 -10.42
C PHE A 128 -19.92 15.23 -10.82
N LEU A 129 -18.99 15.71 -10.01
CA LEU A 129 -17.58 15.53 -10.29
C LEU A 129 -16.90 14.91 -9.08
N ARG A 130 -15.76 14.26 -9.32
CA ARG A 130 -15.04 13.61 -8.24
C ARG A 130 -13.53 13.57 -8.50
N VAL A 131 -12.77 13.64 -7.41
CA VAL A 131 -11.32 13.54 -7.47
C VAL A 131 -10.95 12.63 -6.32
N GLY A 132 -10.09 11.65 -6.60
CA GLY A 132 -9.69 10.71 -5.59
C GLY A 132 -10.81 9.72 -5.35
N GLY A 133 -10.85 9.13 -4.15
CA GLY A 133 -11.88 8.15 -3.82
C GLY A 133 -11.79 6.86 -4.60
N ARG A 134 -10.62 6.51 -5.10
CA ARG A 134 -10.49 5.28 -5.88
C ARG A 134 -9.78 4.12 -5.17
N GLY A 135 -9.81 4.10 -3.84
CA GLY A 135 -9.18 3.01 -3.13
C GLY A 135 -7.87 3.35 -2.44
N TRP A 136 -7.47 2.49 -1.51
CA TRP A 136 -6.25 2.70 -0.74
C TRP A 136 -4.93 2.66 -1.53
N LEU A 137 -4.83 1.78 -2.51
CA LEU A 137 -3.59 1.67 -3.27
C LEU A 137 -3.42 2.83 -4.24
N LEU A 138 -4.45 3.10 -5.04
CA LEU A 138 -4.40 4.16 -6.04
C LEU A 138 -4.61 5.57 -5.52
N SER A 139 -5.43 5.69 -4.47
CA SER A 139 -5.79 7.02 -4.00
C SER A 139 -5.83 7.20 -2.49
N ASP A 140 -6.94 7.76 -2.01
CA ASP A 140 -7.17 8.02 -0.59
C ASP A 140 -6.09 8.84 0.11
N ASP A 141 -5.58 9.89 -0.53
CA ASP A 141 -4.57 10.74 0.10
C ASP A 141 -5.19 11.38 1.34
N GLY A 142 -4.40 11.50 2.41
CA GLY A 142 -4.90 12.15 3.60
C GLY A 142 -5.99 11.44 4.37
N SER A 143 -6.23 10.18 4.02
CA SER A 143 -7.25 9.38 4.69
C SER A 143 -6.62 8.76 5.94
N ALA A 144 -7.43 8.08 6.75
CA ALA A 144 -6.92 7.44 7.97
C ALA A 144 -5.95 6.33 7.58
N TYR A 145 -6.24 5.65 6.47
CA TYR A 145 -5.37 4.58 6.01
C TYR A 145 -4.02 5.17 5.62
N TRP A 146 -4.07 6.26 4.86
CA TRP A 146 -2.87 6.96 4.38
C TRP A 146 -2.00 7.35 5.57
N VAL A 147 -2.62 7.95 6.58
CA VAL A 147 -1.93 8.37 7.79
C VAL A 147 -1.37 7.16 8.53
N GLY A 148 -2.18 6.10 8.61
CA GLY A 148 -1.76 4.89 9.28
C GLY A 148 -0.54 4.24 8.63
N ARG A 149 -0.52 4.22 7.31
CA ARG A 149 0.60 3.65 6.58
C ARG A 149 1.88 4.48 6.83
N LYS A 150 1.77 5.80 6.73
CA LYS A 150 2.92 6.67 6.96
C LYS A 150 3.49 6.43 8.36
N ALA A 151 2.61 6.29 9.34
CA ALA A 151 3.01 6.06 10.72
C ALA A 151 3.77 4.74 10.87
N LEU A 152 3.22 3.67 10.29
CA LEU A 152 3.88 2.36 10.35
C LEU A 152 5.27 2.44 9.76
N ARG A 153 5.39 3.11 8.61
CA ARG A 153 6.67 3.22 7.93
C ARG A 153 7.70 4.00 8.74
N LYS A 154 7.24 5.03 9.45
CA LYS A 154 8.13 5.82 10.30
C LYS A 154 8.58 4.97 11.48
N VAL A 155 7.65 4.19 12.04
CA VAL A 155 7.98 3.32 13.16
C VAL A 155 9.03 2.28 12.78
N LEU A 156 8.96 1.77 11.55
CA LEU A 156 9.94 0.79 11.11
C LEU A 156 11.32 1.44 11.09
N LYS A 157 11.40 2.65 10.55
CA LYS A 157 12.69 3.34 10.48
C LYS A 157 13.26 3.65 11.87
N MET A 158 12.37 3.83 12.84
CA MET A 158 12.80 4.09 14.20
C MET A 158 13.39 2.80 14.76
N MET A 159 12.74 1.67 14.47
CA MET A 159 13.23 0.38 14.95
C MET A 159 14.56 0.03 14.31
N ASP A 160 14.79 0.49 13.08
CA ASP A 160 16.05 0.23 12.38
C ASP A 160 17.16 1.16 12.86
N GLY A 161 16.80 2.15 13.68
CA GLY A 161 17.78 3.09 14.18
C GLY A 161 18.10 4.21 13.19
N LEU A 162 17.28 4.34 12.17
CA LEU A 162 17.51 5.37 11.16
C LEU A 162 17.03 6.73 11.65
N GLU A 163 16.04 6.72 12.54
CA GLU A 163 15.50 7.95 13.10
C GLU A 163 15.23 7.77 14.59
N ASN A 164 15.30 8.87 15.34
CA ASN A 164 15.06 8.82 16.77
C ASN A 164 13.63 8.37 17.07
N LYS A 165 13.48 7.57 18.11
CA LYS A 165 12.15 7.10 18.49
C LYS A 165 11.45 8.28 19.17
N THR A 166 10.21 8.54 18.76
CA THR A 166 9.43 9.61 19.36
C THR A 166 8.22 8.97 20.02
N ILE A 167 7.33 9.81 20.54
CA ILE A 167 6.12 9.32 21.21
C ILE A 167 5.30 8.43 20.28
N LEU A 168 5.32 8.76 18.99
CA LEU A 168 4.56 8.00 18.00
C LEU A 168 4.88 6.51 18.05
N TYR A 169 6.16 6.19 18.25
CA TYR A 169 6.59 4.80 18.31
C TYR A 169 5.74 3.97 19.27
N ASN A 170 5.71 4.37 20.53
CA ASN A 170 4.95 3.64 21.54
C ASN A 170 3.45 3.70 21.30
N LYS A 171 2.98 4.82 20.76
CA LYS A 171 1.56 5.00 20.48
C LYS A 171 1.10 3.98 19.43
N VAL A 172 1.89 3.82 18.38
CA VAL A 172 1.54 2.87 17.32
C VAL A 172 1.58 1.43 17.83
N LEU A 173 2.68 1.05 18.48
CA LEU A 173 2.81 -0.30 19.00
C LEU A 173 1.69 -0.66 19.97
N LYS A 174 1.25 0.31 20.76
CA LYS A 174 0.16 0.06 21.70
C LYS A 174 -1.15 -0.18 20.97
N THR A 175 -1.43 0.62 19.94
CA THR A 175 -2.67 0.48 19.19
C THR A 175 -2.84 -0.89 18.53
N ILE A 176 -1.78 -1.40 17.92
CA ILE A 176 -1.88 -2.71 17.26
C ILE A 176 -1.37 -3.84 18.15
N ASN A 177 -1.07 -3.51 19.40
CA ASN A 177 -0.62 -4.49 20.39
C ASN A 177 0.60 -5.32 19.98
N VAL A 178 1.71 -4.65 19.68
CA VAL A 178 2.95 -5.34 19.33
C VAL A 178 4.03 -4.66 20.17
N LYS A 179 5.03 -5.42 20.58
CA LYS A 179 6.08 -4.83 21.42
C LYS A 179 7.43 -4.62 20.77
N ASP A 180 7.65 -5.13 19.56
CA ASP A 180 8.94 -4.96 18.91
C ASP A 180 8.92 -5.27 17.42
N LEU A 181 10.08 -5.14 16.77
CA LEU A 181 10.17 -5.39 15.34
C LEU A 181 9.71 -6.79 14.96
N ASP A 182 10.14 -7.79 15.72
CA ASP A 182 9.75 -9.17 15.47
C ASP A 182 8.23 -9.33 15.42
N GLU A 183 7.54 -8.72 16.39
CA GLU A 183 6.09 -8.82 16.42
C GLU A 183 5.43 -7.95 15.35
N LEU A 184 6.08 -6.85 14.99
CA LEU A 184 5.53 -5.97 13.97
C LEU A 184 5.54 -6.70 12.62
N VAL A 185 6.61 -7.44 12.35
CA VAL A 185 6.73 -8.20 11.10
C VAL A 185 5.67 -9.30 11.08
N MET A 186 5.54 -10.02 12.18
CA MET A 186 4.53 -11.08 12.27
C MET A 186 3.16 -10.47 11.99
N TRP A 187 2.93 -9.28 12.53
CA TRP A 187 1.68 -8.57 12.34
C TRP A 187 1.46 -8.27 10.86
N SER A 188 2.52 -7.86 10.17
CA SER A 188 2.42 -7.51 8.76
C SER A 188 1.96 -8.71 7.92
N TYR A 189 2.39 -9.91 8.29
CA TYR A 189 2.02 -11.11 7.55
C TYR A 189 0.51 -11.36 7.52
N THR A 190 -0.19 -10.93 8.56
CA THR A 190 -1.63 -11.14 8.63
C THR A 190 -2.50 -9.90 8.55
N SER A 191 -1.90 -8.72 8.58
CA SER A 191 -2.69 -7.49 8.58
C SER A 191 -2.46 -6.52 7.43
N SER A 192 -1.44 -6.76 6.60
CA SER A 192 -1.14 -5.86 5.50
C SER A 192 -2.27 -5.49 4.55
N CYS A 193 -3.20 -6.41 4.31
CA CYS A 193 -4.32 -6.11 3.40
C CYS A 193 -5.62 -5.92 4.18
N GLN A 194 -5.50 -5.56 5.45
CA GLN A 194 -6.65 -5.30 6.31
C GLN A 194 -6.76 -3.78 6.49
N ILE A 195 -7.45 -3.15 5.55
CA ILE A 195 -7.60 -1.70 5.55
C ILE A 195 -8.02 -1.06 6.87
N ASP A 196 -9.09 -1.56 7.48
CA ASP A 196 -9.58 -1.02 8.74
C ASP A 196 -8.52 -0.96 9.81
N LEU A 197 -7.75 -2.04 9.93
CA LEU A 197 -6.69 -2.13 10.94
C LEU A 197 -5.64 -1.04 10.75
N VAL A 198 -5.14 -0.91 9.52
CA VAL A 198 -4.12 0.10 9.24
C VAL A 198 -4.66 1.50 9.55
N ALA A 199 -5.89 1.76 9.12
CA ALA A 199 -6.53 3.06 9.33
C ALA A 199 -6.74 3.40 10.81
N SER A 200 -6.96 2.38 11.64
CA SER A 200 -7.17 2.61 13.06
C SER A 200 -5.94 3.25 13.71
N ILE A 201 -4.79 3.14 13.05
CA ILE A 201 -3.56 3.71 13.56
C ILE A 201 -3.56 5.24 13.50
N ALA A 202 -4.37 5.80 12.61
CA ALA A 202 -4.46 7.25 12.50
C ALA A 202 -4.77 7.83 13.89
N LYS A 203 -5.53 7.08 14.68
CA LYS A 203 -5.90 7.51 16.02
C LYS A 203 -4.66 7.71 16.89
N ALA A 204 -3.71 6.79 16.76
CA ALA A 204 -2.46 6.87 17.50
C ALA A 204 -1.65 8.07 17.05
N VAL A 205 -1.70 8.40 15.76
CA VAL A 205 -0.96 9.53 15.23
C VAL A 205 -1.49 10.83 15.83
N ASP A 206 -2.82 10.94 15.92
CA ASP A 206 -3.45 12.13 16.47
C ASP A 206 -3.02 12.27 17.93
N GLU A 207 -3.04 11.16 18.67
CA GLU A 207 -2.63 11.20 20.07
C GLU A 207 -1.20 11.69 20.21
N ALA A 208 -0.29 11.14 19.40
CA ALA A 208 1.10 11.54 19.45
C ALA A 208 1.28 13.02 19.15
N ALA A 209 0.61 13.50 18.10
CA ALA A 209 0.71 14.89 17.71
C ALA A 209 0.18 15.82 18.79
N ASN A 210 -0.92 15.44 19.45
CA ASN A 210 -1.46 16.28 20.50
C ASN A 210 -0.49 16.36 21.68
N GLU A 211 0.38 15.37 21.79
CA GLU A 211 1.38 15.35 22.85
C GLU A 211 2.66 16.00 22.33
N GLY A 212 2.54 16.68 21.19
CA GLY A 212 3.68 17.39 20.62
C GLY A 212 4.71 16.65 19.79
N ASP A 213 4.39 15.47 19.29
CA ASP A 213 5.35 14.74 18.49
C ASP A 213 5.44 15.35 17.09
N THR A 214 6.61 15.90 16.76
CA THR A 214 6.85 16.53 15.47
C THR A 214 6.59 15.58 14.31
N VAL A 215 6.98 14.33 14.48
CA VAL A 215 6.79 13.31 13.45
C VAL A 215 5.32 13.08 13.13
N ALA A 216 4.49 13.04 14.18
CA ALA A 216 3.05 12.81 13.99
C ALA A 216 2.37 14.05 13.43
N MET A 217 2.85 15.22 13.82
CA MET A 217 2.27 16.46 13.33
C MET A 217 2.54 16.60 11.83
N ASP A 218 3.72 16.18 11.42
CA ASP A 218 4.11 16.27 10.02
C ASP A 218 3.24 15.36 9.15
N ILE A 219 2.94 14.17 9.65
CA ILE A 219 2.10 13.25 8.89
C ILE A 219 0.71 13.84 8.69
N LEU A 220 0.13 14.37 9.76
CA LEU A 220 -1.18 14.96 9.69
C LEU A 220 -1.19 16.20 8.80
N LYS A 221 -0.18 17.06 8.96
CA LYS A 221 -0.10 18.25 8.14
C LYS A 221 0.05 17.90 6.66
N GLN A 222 0.95 16.97 6.36
CA GLN A 222 1.17 16.58 4.97
C GLN A 222 -0.05 15.91 4.35
N GLY A 223 -0.68 15.00 5.09
CA GLY A 223 -1.86 14.35 4.56
C GLY A 223 -3.00 15.32 4.34
N ALA A 224 -3.21 16.21 5.30
CA ALA A 224 -4.28 17.21 5.19
C ALA A 224 -4.06 18.10 3.98
N GLU A 225 -2.82 18.53 3.77
CA GLU A 225 -2.52 19.41 2.65
C GLU A 225 -2.62 18.75 1.29
N LEU A 226 -2.28 17.47 1.22
CA LEU A 226 -2.36 16.73 -0.03
C LEU A 226 -3.82 16.66 -0.45
N LEU A 227 -4.69 16.33 0.50
CA LEU A 227 -6.11 16.23 0.21
C LEU A 227 -6.74 17.61 -0.01
N ALA A 228 -6.35 18.57 0.81
CA ALA A 228 -6.88 19.91 0.69
C ALA A 228 -6.58 20.49 -0.69
N SER A 229 -5.41 20.17 -1.23
CA SER A 229 -5.06 20.70 -2.55
C SER A 229 -6.06 20.21 -3.59
N GLN A 230 -6.50 18.96 -3.42
CA GLN A 230 -7.47 18.38 -4.34
C GLN A 230 -8.85 19.01 -4.18
N ALA A 231 -9.16 19.45 -2.96
CA ALA A 231 -10.45 20.09 -2.68
C ALA A 231 -10.45 21.48 -3.32
N VAL A 232 -9.31 22.16 -3.26
CA VAL A 232 -9.21 23.49 -3.86
C VAL A 232 -9.41 23.33 -5.37
N TYR A 233 -8.75 22.33 -5.94
CA TYR A 233 -8.87 22.06 -7.37
C TYR A 233 -10.33 21.87 -7.81
N LEU A 234 -11.07 21.04 -7.11
CA LEU A 234 -12.45 20.80 -7.48
C LEU A 234 -13.30 22.04 -7.23
N ALA A 235 -13.06 22.71 -6.11
CA ALA A 235 -13.80 23.92 -5.81
C ALA A 235 -13.65 24.91 -6.97
N ARG A 236 -12.42 25.08 -7.45
CA ARG A 236 -12.15 26.00 -8.55
C ARG A 236 -12.83 25.56 -9.84
N LYS A 237 -12.82 24.26 -10.13
CA LYS A 237 -13.45 23.78 -11.36
C LYS A 237 -14.97 23.92 -11.27
N ILE A 238 -15.51 23.70 -10.08
CA ILE A 238 -16.95 23.81 -9.86
C ILE A 238 -17.34 25.28 -9.87
N GLY A 239 -16.44 26.13 -9.38
CA GLY A 239 -16.70 27.56 -9.33
C GLY A 239 -17.27 28.00 -8.00
N THR A 240 -16.95 27.28 -6.93
CA THR A 240 -17.44 27.63 -5.59
C THR A 240 -16.27 28.09 -4.73
N ASN A 241 -16.57 28.87 -3.69
CA ASN A 241 -15.53 29.37 -2.80
C ASN A 241 -15.63 28.72 -1.42
N LYS A 242 -16.48 27.70 -1.32
CA LYS A 242 -16.67 27.02 -0.06
C LYS A 242 -16.68 25.49 -0.22
N VAL A 243 -16.12 24.81 0.78
CA VAL A 243 -16.09 23.35 0.76
C VAL A 243 -16.57 22.84 2.12
N TYR A 244 -17.29 21.72 2.10
CA TYR A 244 -17.77 21.14 3.33
C TYR A 244 -16.82 20.04 3.75
N LEU A 245 -16.63 19.87 5.05
CA LEU A 245 -15.70 18.87 5.56
C LEU A 245 -16.37 17.79 6.41
N LYS A 246 -16.20 16.53 6.03
CA LYS A 246 -16.79 15.41 6.77
C LYS A 246 -15.82 14.24 6.89
N GLY A 247 -16.09 13.36 7.86
CA GLY A 247 -15.25 12.19 8.03
C GLY A 247 -14.46 12.14 9.33
N GLY A 248 -14.10 10.92 9.72
CA GLY A 248 -13.36 10.71 10.95
C GLY A 248 -12.05 11.48 11.07
N MET A 249 -11.36 11.72 9.96
CA MET A 249 -10.10 12.44 10.04
C MET A 249 -10.26 13.85 10.59
N PHE A 250 -11.41 14.47 10.35
CA PHE A 250 -11.61 15.82 10.85
C PHE A 250 -11.87 15.87 12.35
N ARG A 251 -11.91 14.70 13.00
CA ARG A 251 -12.08 14.64 14.44
C ARG A 251 -10.72 14.97 15.06
N SER A 252 -9.69 14.95 14.22
CA SER A 252 -8.34 15.27 14.67
C SER A 252 -8.21 16.79 14.62
N ASN A 253 -8.00 17.41 15.76
CA ASN A 253 -7.85 18.85 15.82
C ASN A 253 -6.72 19.35 14.95
N ILE A 254 -5.58 18.64 14.97
CA ILE A 254 -4.42 19.02 14.19
C ILE A 254 -4.67 18.88 12.68
N TYR A 255 -5.27 17.76 12.29
CA TYR A 255 -5.56 17.53 10.88
C TYR A 255 -6.49 18.62 10.37
N HIS A 256 -7.54 18.90 11.15
CA HIS A 256 -8.51 19.92 10.76
C HIS A 256 -7.87 21.30 10.69
N LYS A 257 -6.98 21.59 11.62
CA LYS A 257 -6.29 22.89 11.63
C LYS A 257 -5.46 23.10 10.37
N PHE A 258 -4.65 22.11 10.01
CA PHE A 258 -3.83 22.25 8.81
C PHE A 258 -4.64 22.21 7.53
N PHE A 259 -5.72 21.45 7.53
CA PHE A 259 -6.57 21.35 6.34
C PHE A 259 -7.19 22.74 6.09
N THR A 260 -7.75 23.34 7.13
CA THR A 260 -8.39 24.65 7.01
C THR A 260 -7.37 25.76 6.70
N LEU A 261 -6.18 25.68 7.28
CA LEU A 261 -5.15 26.69 7.02
C LEU A 261 -4.82 26.69 5.52
N TYR A 262 -4.74 25.51 4.93
CA TYR A 262 -4.43 25.40 3.52
C TYR A 262 -5.56 26.03 2.71
N LEU A 263 -6.80 25.73 3.07
CA LEU A 263 -7.94 26.28 2.35
C LEU A 263 -8.00 27.79 2.46
N GLU A 264 -7.74 28.34 3.65
CA GLU A 264 -7.81 29.79 3.79
C GLU A 264 -6.72 30.53 3.03
N LYS A 265 -5.54 29.93 2.87
CA LYS A 265 -4.48 30.57 2.11
C LYS A 265 -4.94 30.72 0.66
N GLU A 266 -5.85 29.85 0.25
CA GLU A 266 -6.38 29.88 -1.11
C GLU A 266 -7.69 30.65 -1.19
N GLY A 267 -8.12 31.22 -0.07
CA GLY A 267 -9.36 31.97 -0.05
C GLY A 267 -10.61 31.10 -0.05
N ILE A 268 -10.49 29.87 0.43
CA ILE A 268 -11.63 28.96 0.49
C ILE A 268 -12.20 28.85 1.91
N ILE A 269 -13.50 29.07 2.03
CA ILE A 269 -14.20 28.98 3.31
C ILE A 269 -14.55 27.50 3.53
N SER A 270 -14.37 27.01 4.74
CA SER A 270 -14.71 25.61 5.03
C SER A 270 -15.82 25.55 6.06
N ASP A 271 -16.45 24.39 6.16
CA ASP A 271 -17.58 24.21 7.06
C ASP A 271 -17.78 22.72 7.36
N LEU A 272 -17.92 22.36 8.63
CA LEU A 272 -18.15 20.96 8.98
C LEU A 272 -19.62 20.67 8.63
N GLY A 273 -19.99 19.40 8.58
CA GLY A 273 -21.37 19.03 8.25
C GLY A 273 -22.51 19.85 8.86
N LYS A 274 -23.46 19.16 9.48
CA LYS A 274 -24.64 19.76 10.12
C LYS A 274 -25.86 18.90 9.83
N ARG A 275 -25.78 18.08 8.78
CA ARG A 275 -26.87 17.20 8.41
C ARG A 275 -26.40 15.77 8.08
N SER A 276 -27.33 14.83 8.04
CA SER A 276 -27.00 13.44 7.75
C SER A 276 -27.10 13.14 6.27
N PRO A 277 -26.42 12.07 5.81
CA PRO A 277 -26.44 11.66 4.40
C PRO A 277 -27.84 11.28 3.90
N GLU A 278 -28.59 10.54 4.72
CA GLU A 278 -29.94 10.13 4.31
C GLU A 278 -30.83 11.32 3.97
N ILE A 279 -30.65 12.42 4.70
CA ILE A 279 -31.42 13.62 4.43
C ILE A 279 -31.02 14.17 3.06
N GLY A 280 -29.74 14.02 2.75
CA GLY A 280 -29.24 14.47 1.45
C GLY A 280 -29.85 13.62 0.34
N ALA A 281 -30.15 12.36 0.65
CA ALA A 281 -30.74 11.47 -0.33
C ALA A 281 -32.19 11.87 -0.59
N VAL A 282 -32.85 12.39 0.45
CA VAL A 282 -34.23 12.86 0.31
C VAL A 282 -34.22 14.12 -0.55
N ILE A 283 -33.24 14.98 -0.31
CA ILE A 283 -33.09 16.22 -1.07
C ILE A 283 -32.87 15.88 -2.55
N LEU A 284 -32.03 14.88 -2.78
CA LEU A 284 -31.73 14.40 -4.13
C LEU A 284 -33.04 13.98 -4.83
N ALA A 285 -33.90 13.29 -4.10
CA ALA A 285 -35.18 12.84 -4.64
C ALA A 285 -36.10 14.03 -4.88
N TYR A 286 -36.18 14.90 -3.88
CA TYR A 286 -37.01 16.10 -3.97
C TYR A 286 -36.68 16.92 -5.22
N LYS A 287 -35.40 17.09 -5.50
CA LYS A 287 -34.97 17.86 -6.67
C LYS A 287 -35.42 17.20 -7.96
N GLU A 288 -35.37 15.87 -7.96
CA GLU A 288 -35.76 15.09 -9.12
C GLU A 288 -37.24 15.22 -9.44
N VAL A 289 -38.09 15.05 -8.42
CA VAL A 289 -39.54 15.11 -8.59
C VAL A 289 -40.17 16.48 -8.46
N GLY A 290 -39.46 17.44 -7.87
CA GLY A 290 -40.01 18.77 -7.74
C GLY A 290 -40.69 19.12 -6.43
N CYS A 291 -40.42 18.38 -5.36
CA CYS A 291 -41.01 18.69 -4.06
C CYS A 291 -40.14 19.79 -3.45
N ASP A 292 -40.79 20.73 -2.76
CA ASP A 292 -40.08 21.86 -2.16
C ASP A 292 -39.20 21.53 -0.98
N ILE A 293 -37.89 21.66 -1.18
CA ILE A 293 -36.90 21.37 -0.14
C ILE A 293 -37.05 22.26 1.09
N LYS A 294 -37.62 23.45 0.91
CA LYS A 294 -37.80 24.36 2.04
C LYS A 294 -38.79 23.81 3.06
N LYS A 295 -39.66 22.91 2.62
CA LYS A 295 -40.66 22.31 3.52
C LYS A 295 -40.00 21.16 4.28
N LEU A 296 -38.91 20.65 3.74
CA LEU A 296 -38.18 19.55 4.34
C LEU A 296 -37.14 20.06 5.34
N ILE A 297 -36.41 21.09 4.93
CA ILE A 297 -35.36 21.69 5.76
C ILE A 297 -35.69 23.15 6.01
N SER A 298 -35.34 23.65 7.18
CA SER A 298 -35.57 25.05 7.51
C SER A 298 -34.54 25.52 8.52
N MET B 1 35.80 -37.40 -0.03
CA MET B 1 36.03 -35.98 0.33
C MET B 1 34.81 -35.34 1.00
N MET B 2 34.89 -34.03 1.21
CA MET B 2 33.82 -33.27 1.86
C MET B 2 32.96 -32.60 0.80
N ILE B 3 31.68 -32.95 0.75
CA ILE B 3 30.76 -32.35 -0.22
C ILE B 3 30.05 -31.15 0.40
N ILE B 4 30.31 -29.98 -0.16
CA ILE B 4 29.74 -28.74 0.34
C ILE B 4 28.75 -28.16 -0.66
N VAL B 5 27.55 -27.86 -0.19
CA VAL B 5 26.53 -27.31 -1.07
C VAL B 5 26.05 -25.93 -0.63
N GLY B 6 26.06 -24.99 -1.58
CA GLY B 6 25.59 -23.65 -1.31
C GLY B 6 24.19 -23.57 -1.87
N VAL B 7 23.24 -23.08 -1.08
CA VAL B 7 21.86 -23.00 -1.52
C VAL B 7 21.21 -21.62 -1.42
N ASP B 8 20.48 -21.25 -2.46
CA ASP B 8 19.76 -19.99 -2.50
C ASP B 8 18.27 -20.37 -2.57
N ALA B 9 17.64 -20.41 -1.41
CA ALA B 9 16.23 -20.78 -1.30
C ALA B 9 15.37 -19.52 -1.48
N GLY B 10 14.89 -19.33 -2.71
CA GLY B 10 14.11 -18.15 -3.02
C GLY B 10 12.60 -18.29 -3.04
N GLY B 11 11.93 -17.20 -3.40
CA GLY B 11 10.47 -17.18 -3.43
C GLY B 11 9.84 -17.96 -4.56
N THR B 12 10.53 -18.06 -5.69
CA THR B 12 9.99 -18.79 -6.84
C THR B 12 10.74 -20.08 -7.08
N LYS B 13 11.98 -20.16 -6.63
CA LYS B 13 12.77 -21.38 -6.81
C LYS B 13 13.97 -21.45 -5.89
N THR B 14 14.54 -22.65 -5.82
CA THR B 14 15.71 -22.91 -5.01
C THR B 14 16.81 -23.43 -5.93
N LYS B 15 17.99 -22.83 -5.85
CA LYS B 15 19.10 -23.24 -6.68
C LYS B 15 20.23 -23.67 -5.76
N ALA B 16 20.89 -24.76 -6.12
CA ALA B 16 21.99 -25.27 -5.32
C ALA B 16 23.18 -25.65 -6.21
N VAL B 17 24.37 -25.46 -5.67
CA VAL B 17 25.61 -25.82 -6.36
C VAL B 17 26.49 -26.56 -5.37
N ALA B 18 27.06 -27.69 -5.80
CA ALA B 18 27.92 -28.49 -4.94
C ALA B 18 29.38 -28.43 -5.35
N TYR B 19 30.25 -28.32 -4.35
CA TYR B 19 31.70 -28.26 -4.56
C TYR B 19 32.36 -29.10 -3.48
N ASP B 20 33.61 -29.48 -3.69
CA ASP B 20 34.31 -30.21 -2.63
C ASP B 20 35.04 -29.12 -1.86
N CYS B 21 35.92 -29.49 -0.94
CA CYS B 21 36.65 -28.51 -0.14
C CYS B 21 37.86 -27.93 -0.89
N GLU B 22 38.07 -28.36 -2.13
CA GLU B 22 39.20 -27.90 -2.92
C GLU B 22 38.80 -26.99 -4.09
N GLY B 23 37.60 -26.41 -4.03
CA GLY B 23 37.17 -25.53 -5.09
C GLY B 23 36.66 -26.21 -6.34
N ASN B 24 36.61 -27.55 -6.32
CA ASN B 24 36.14 -28.31 -7.47
C ASN B 24 34.62 -28.45 -7.53
N PHE B 25 34.05 -28.08 -8.67
CA PHE B 25 32.62 -28.16 -8.88
C PHE B 25 32.18 -29.62 -8.98
N ILE B 26 31.03 -29.93 -8.40
CA ILE B 26 30.51 -31.29 -8.45
C ILE B 26 29.25 -31.36 -9.28
N GLY B 27 28.33 -30.43 -9.03
CA GLY B 27 27.10 -30.39 -9.78
C GLY B 27 26.18 -29.30 -9.28
N GLU B 28 25.03 -29.16 -9.92
CA GLU B 28 24.06 -28.15 -9.54
C GLU B 28 22.66 -28.73 -9.62
N GLY B 29 21.73 -28.09 -8.92
CA GLY B 29 20.36 -28.58 -8.92
C GLY B 29 19.39 -27.46 -8.60
N SER B 30 18.11 -27.67 -8.95
CA SER B 30 17.07 -26.68 -8.72
C SER B 30 15.78 -27.37 -8.28
N SER B 31 14.96 -26.63 -7.55
CA SER B 31 13.69 -27.13 -7.07
C SER B 31 12.76 -25.93 -6.86
N GLY B 32 11.58 -26.19 -6.32
CA GLY B 32 10.62 -25.13 -6.09
C GLY B 32 11.05 -24.13 -5.03
N PRO B 33 10.18 -23.17 -4.69
CA PRO B 33 10.43 -22.12 -3.69
C PRO B 33 10.96 -22.64 -2.36
N GLY B 34 11.91 -21.90 -1.78
CA GLY B 34 12.48 -22.26 -0.50
C GLY B 34 11.90 -21.37 0.58
N ASN B 35 11.13 -20.37 0.16
CA ASN B 35 10.48 -19.44 1.08
C ASN B 35 9.20 -20.13 1.59
N TYR B 36 9.18 -20.50 2.86
CA TYR B 36 8.04 -21.21 3.42
C TYR B 36 6.73 -20.42 3.46
N HIS B 37 6.81 -19.10 3.41
CA HIS B 37 5.59 -18.30 3.42
C HIS B 37 4.83 -18.55 2.12
N ASN B 38 5.55 -18.97 1.09
CA ASN B 38 4.95 -19.20 -0.22
C ASN B 38 4.42 -20.63 -0.46
N VAL B 39 5.08 -21.62 0.12
CA VAL B 39 4.65 -23.01 -0.12
C VAL B 39 4.47 -23.84 1.14
N GLY B 40 4.56 -23.22 2.30
CA GLY B 40 4.42 -23.97 3.53
C GLY B 40 5.78 -24.46 3.98
N LEU B 41 5.91 -24.66 5.29
CA LEU B 41 7.17 -25.09 5.89
C LEU B 41 7.72 -26.42 5.34
N THR B 42 6.87 -27.45 5.32
CA THR B 42 7.30 -28.76 4.85
C THR B 42 7.73 -28.76 3.39
N ARG B 43 6.95 -28.13 2.53
CA ARG B 43 7.26 -28.09 1.10
C ARG B 43 8.57 -27.34 0.87
N ALA B 44 8.77 -26.26 1.61
CA ALA B 44 9.99 -25.46 1.48
C ALA B 44 11.20 -26.31 1.80
N ILE B 45 11.12 -27.05 2.91
CA ILE B 45 12.21 -27.93 3.33
C ILE B 45 12.48 -29.01 2.30
N GLU B 46 11.43 -29.62 1.78
CA GLU B 46 11.56 -30.67 0.78
C GLU B 46 12.24 -30.15 -0.48
N ASN B 47 11.87 -28.94 -0.91
CA ASN B 47 12.46 -28.35 -2.10
C ASN B 47 13.95 -28.07 -1.92
N ILE B 48 14.32 -27.58 -0.74
CA ILE B 48 15.73 -27.30 -0.44
C ILE B 48 16.47 -28.63 -0.50
N LYS B 49 15.92 -29.64 0.15
CA LYS B 49 16.52 -30.97 0.17
C LYS B 49 16.68 -31.53 -1.26
N GLU B 50 15.65 -31.37 -2.09
CA GLU B 50 15.70 -31.88 -3.46
C GLU B 50 16.85 -31.22 -4.23
N ALA B 51 16.91 -29.90 -4.18
CA ALA B 51 17.96 -29.16 -4.87
C ALA B 51 19.34 -29.62 -4.39
N VAL B 52 19.51 -29.72 -3.08
CA VAL B 52 20.78 -30.14 -2.51
C VAL B 52 21.18 -31.54 -2.99
N LYS B 53 20.23 -32.47 -2.98
CA LYS B 53 20.52 -33.85 -3.40
C LYS B 53 20.90 -33.95 -4.87
N ILE B 54 20.25 -33.15 -5.71
CA ILE B 54 20.56 -33.17 -7.14
C ILE B 54 21.97 -32.63 -7.35
N ALA B 55 22.28 -31.51 -6.72
CA ALA B 55 23.58 -30.88 -6.85
C ALA B 55 24.70 -31.76 -6.33
N ALA B 56 24.48 -32.40 -5.18
CA ALA B 56 25.47 -33.27 -4.57
C ALA B 56 25.46 -34.69 -5.10
N LYS B 57 24.47 -35.03 -5.91
CA LYS B 57 24.35 -36.38 -6.46
C LYS B 57 24.28 -37.40 -5.33
N GLY B 58 23.62 -37.00 -4.25
CA GLY B 58 23.47 -37.87 -3.10
C GLY B 58 23.46 -36.99 -1.85
N GLU B 59 23.92 -37.53 -0.74
CA GLU B 59 23.95 -36.77 0.51
C GLU B 59 25.10 -35.77 0.49
N ALA B 60 24.92 -34.66 1.20
CA ALA B 60 25.93 -33.63 1.31
C ALA B 60 26.45 -33.63 2.74
N ASP B 61 27.70 -33.18 2.92
CA ASP B 61 28.29 -33.14 4.27
C ASP B 61 28.05 -31.80 4.93
N VAL B 62 28.08 -30.75 4.13
CA VAL B 62 27.88 -29.40 4.64
C VAL B 62 26.97 -28.63 3.69
N VAL B 63 26.04 -27.88 4.25
CA VAL B 63 25.13 -27.08 3.43
C VAL B 63 25.01 -25.69 3.99
N GLY B 64 25.33 -24.70 3.15
CA GLY B 64 25.20 -23.31 3.54
C GLY B 64 24.00 -22.82 2.76
N MET B 65 23.06 -22.18 3.43
CA MET B 65 21.89 -21.70 2.71
C MET B 65 21.47 -20.30 3.05
N GLY B 66 21.06 -19.56 2.02
CA GLY B 66 20.57 -18.20 2.17
C GLY B 66 19.09 -18.38 1.95
N VAL B 67 18.28 -18.08 2.96
CA VAL B 67 16.84 -18.28 2.86
C VAL B 67 15.98 -17.03 2.90
N ALA B 68 15.06 -16.93 1.96
CA ALA B 68 14.15 -15.78 1.89
C ALA B 68 12.96 -16.09 2.79
N GLY B 69 12.41 -15.07 3.42
CA GLY B 69 11.26 -15.27 4.29
C GLY B 69 11.54 -15.29 5.77
N LEU B 70 12.81 -15.33 6.16
CA LEU B 70 13.16 -15.34 7.58
C LEU B 70 13.32 -13.90 8.04
N ASP B 71 12.20 -13.17 8.07
CA ASP B 71 12.24 -11.77 8.44
C ASP B 71 11.82 -11.43 9.88
N SER B 72 11.79 -12.44 10.74
CA SER B 72 11.44 -12.26 12.14
C SER B 72 11.92 -13.48 12.93
N LYS B 73 12.26 -13.27 14.20
CA LYS B 73 12.74 -14.35 15.07
C LYS B 73 11.83 -15.56 14.97
N PHE B 74 10.53 -15.29 14.80
CA PHE B 74 9.53 -16.33 14.71
C PHE B 74 9.72 -17.21 13.48
N ASP B 75 10.19 -16.60 12.39
CA ASP B 75 10.42 -17.34 11.16
C ASP B 75 11.60 -18.27 11.39
N TRP B 76 12.66 -17.76 12.01
CA TRP B 76 13.85 -18.55 12.30
C TRP B 76 13.53 -19.74 13.18
N GLU B 77 12.74 -19.50 14.23
CA GLU B 77 12.36 -20.56 15.16
C GLU B 77 11.59 -21.68 14.45
N ASN B 78 10.77 -21.30 13.48
CA ASN B 78 9.96 -22.25 12.73
C ASN B 78 10.77 -23.04 11.69
N PHE B 79 11.74 -22.36 11.09
CA PHE B 79 12.56 -22.94 10.02
C PHE B 79 13.81 -23.74 10.46
N THR B 80 14.68 -23.09 11.21
CA THR B 80 15.93 -23.69 11.69
C THR B 80 15.91 -25.17 12.09
N PRO B 81 15.01 -25.56 13.02
CA PRO B 81 14.93 -26.96 13.46
C PRO B 81 14.80 -28.00 12.35
N LEU B 82 14.08 -27.66 11.29
CA LEU B 82 13.88 -28.59 10.20
C LEU B 82 14.99 -28.48 9.15
N ALA B 83 15.44 -27.26 8.87
CA ALA B 83 16.51 -27.04 7.89
C ALA B 83 17.77 -27.79 8.30
N SER B 84 17.95 -27.94 9.61
CA SER B 84 19.13 -28.63 10.15
C SER B 84 19.17 -30.12 9.80
N LEU B 85 18.06 -30.67 9.32
CA LEU B 85 18.02 -32.08 8.94
C LEU B 85 18.67 -32.33 7.58
N ILE B 86 18.73 -31.30 6.75
CA ILE B 86 19.28 -31.39 5.40
C ILE B 86 20.66 -32.06 5.30
N ALA B 87 21.54 -31.73 6.25
CA ALA B 87 22.88 -32.30 6.26
C ALA B 87 23.43 -32.31 7.68
N PRO B 88 24.53 -33.05 7.90
CA PRO B 88 25.14 -33.14 9.22
C PRO B 88 25.52 -31.77 9.76
N LYS B 89 25.89 -30.87 8.86
CA LYS B 89 26.24 -29.51 9.25
C LYS B 89 25.53 -28.53 8.31
N VAL B 90 24.75 -27.63 8.88
CA VAL B 90 24.00 -26.66 8.10
C VAL B 90 24.16 -25.25 8.66
N ILE B 91 24.52 -24.31 7.78
CA ILE B 91 24.68 -22.91 8.16
C ILE B 91 23.50 -22.18 7.51
N ILE B 92 22.71 -21.46 8.31
CA ILE B 92 21.56 -20.76 7.77
C ILE B 92 21.63 -19.25 7.98
N GLN B 93 21.44 -18.50 6.90
CA GLN B 93 21.46 -17.05 6.94
C GLN B 93 20.36 -16.51 6.02
N HIS B 94 20.18 -15.20 6.01
CA HIS B 94 19.19 -14.55 5.15
C HIS B 94 19.66 -14.66 3.72
N ASP B 95 18.72 -14.65 2.77
CA ASP B 95 19.09 -14.72 1.36
C ASP B 95 20.01 -13.54 1.01
N GLY B 96 19.81 -12.42 1.71
CA GLY B 96 20.61 -11.24 1.46
C GLY B 96 22.06 -11.41 1.89
N VAL B 97 22.29 -12.22 2.91
CA VAL B 97 23.62 -12.47 3.42
C VAL B 97 24.50 -13.25 2.43
N ILE B 98 23.96 -14.25 1.76
CA ILE B 98 24.78 -14.99 0.82
C ILE B 98 25.03 -14.12 -0.42
N ALA B 99 24.09 -13.22 -0.71
CA ALA B 99 24.26 -12.33 -1.84
C ALA B 99 25.43 -11.40 -1.53
N LEU B 100 25.56 -11.04 -0.25
CA LEU B 100 26.65 -10.18 0.20
C LEU B 100 27.99 -10.92 0.13
N PHE B 101 28.03 -12.12 0.71
CA PHE B 101 29.26 -12.92 0.71
C PHE B 101 29.74 -13.27 -0.69
N ALA B 102 28.83 -13.32 -1.65
CA ALA B 102 29.20 -13.63 -3.02
C ALA B 102 30.14 -12.55 -3.53
N GLU B 103 29.98 -11.35 -3.01
CA GLU B 103 30.81 -10.23 -3.43
C GLU B 103 31.99 -9.97 -2.50
N THR B 104 31.79 -10.08 -1.20
CA THR B 104 32.88 -9.82 -0.25
C THR B 104 33.72 -11.07 0.00
N LEU B 105 33.24 -12.22 -0.45
CA LEU B 105 33.95 -13.47 -0.27
C LEU B 105 34.09 -13.84 1.21
N GLY B 106 33.14 -13.39 2.01
CA GLY B 106 33.17 -13.71 3.43
C GLY B 106 33.70 -12.60 4.31
N GLU B 107 34.26 -11.56 3.70
CA GLU B 107 34.79 -10.43 4.45
C GLU B 107 33.68 -9.44 4.75
N PRO B 108 33.93 -8.48 5.65
CA PRO B 108 32.94 -7.47 6.01
C PRO B 108 32.46 -6.69 4.79
N GLY B 109 31.25 -6.14 4.87
CA GLY B 109 30.73 -5.38 3.74
C GLY B 109 29.24 -5.09 3.83
N VAL B 110 28.73 -4.39 2.82
CA VAL B 110 27.32 -4.02 2.76
C VAL B 110 26.81 -4.21 1.34
N VAL B 111 25.60 -4.76 1.21
CA VAL B 111 25.02 -4.95 -0.11
C VAL B 111 23.59 -4.41 -0.12
N VAL B 112 23.21 -3.76 -1.21
CA VAL B 112 21.87 -3.22 -1.36
C VAL B 112 21.20 -4.11 -2.40
N ILE B 113 20.05 -4.66 -2.05
CA ILE B 113 19.34 -5.53 -2.98
C ILE B 113 18.00 -4.86 -3.27
N ALA B 114 17.87 -4.31 -4.47
CA ALA B 114 16.66 -3.61 -4.87
C ALA B 114 15.98 -4.28 -6.05
N GLY B 115 14.99 -5.11 -5.75
CA GLY B 115 14.24 -5.79 -6.78
C GLY B 115 12.76 -5.56 -6.53
N THR B 116 12.01 -6.64 -6.33
CA THR B 116 10.58 -6.52 -6.06
C THR B 116 10.44 -5.79 -4.73
N GLY B 117 11.32 -6.14 -3.79
CA GLY B 117 11.34 -5.49 -2.50
C GLY B 117 12.74 -4.89 -2.36
N SER B 118 13.10 -4.40 -1.19
CA SER B 118 14.45 -3.84 -1.03
C SER B 118 14.97 -4.09 0.37
N VAL B 119 16.29 -4.09 0.50
CA VAL B 119 16.93 -4.30 1.79
C VAL B 119 18.40 -3.95 1.68
N VAL B 120 19.01 -3.65 2.82
CA VAL B 120 20.43 -3.35 2.89
C VAL B 120 20.95 -4.31 3.95
N GLU B 121 21.84 -5.20 3.53
CA GLU B 121 22.41 -6.21 4.42
C GLU B 121 23.87 -5.88 4.66
N GLY B 122 24.35 -6.21 5.86
CA GLY B 122 25.74 -5.94 6.18
C GLY B 122 26.33 -6.98 7.11
N TYR B 123 27.66 -7.03 7.12
CA TYR B 123 28.39 -7.97 7.97
C TYR B 123 29.62 -7.21 8.46
N ASN B 124 29.87 -7.24 9.77
CA ASN B 124 31.02 -6.53 10.32
C ASN B 124 32.11 -7.48 10.79
N GLY B 125 32.05 -8.73 10.33
CA GLY B 125 33.06 -9.69 10.73
C GLY B 125 32.61 -10.60 11.86
N LYS B 126 31.53 -10.22 12.53
CA LYS B 126 31.00 -11.00 13.64
C LYS B 126 29.47 -11.03 13.63
N GLU B 127 28.84 -9.86 13.52
CA GLU B 127 27.39 -9.80 13.47
C GLU B 127 26.93 -9.46 12.07
N PHE B 128 25.71 -9.90 11.75
CA PHE B 128 25.10 -9.60 10.46
C PHE B 128 24.09 -8.51 10.79
N LEU B 129 24.01 -7.48 9.95
CA LEU B 129 23.10 -6.37 10.19
C LEU B 129 22.17 -6.16 9.02
N ARG B 130 21.04 -5.52 9.30
CA ARG B 130 20.02 -5.24 8.28
C ARG B 130 19.17 -4.03 8.61
N VAL B 131 18.74 -3.33 7.56
CA VAL B 131 17.85 -2.19 7.69
C VAL B 131 16.89 -2.35 6.51
N GLY B 132 15.60 -2.12 6.75
CA GLY B 132 14.62 -2.29 5.69
C GLY B 132 14.38 -3.77 5.47
N GLY B 133 13.85 -4.12 4.30
CA GLY B 133 13.56 -5.50 3.98
C GLY B 133 12.46 -6.13 4.81
N ARG B 134 11.56 -5.31 5.34
CA ARG B 134 10.47 -5.84 6.17
C ARG B 134 9.11 -5.89 5.49
N GLY B 135 9.08 -5.91 4.17
CA GLY B 135 7.82 -5.99 3.45
C GLY B 135 7.36 -4.74 2.71
N TRP B 136 6.40 -4.93 1.81
CA TRP B 136 5.90 -3.81 1.01
C TRP B 136 5.14 -2.73 1.77
N LEU B 137 4.37 -3.10 2.78
CA LEU B 137 3.61 -2.11 3.53
C LEU B 137 4.48 -1.31 4.49
N LEU B 138 5.28 -2.00 5.28
CA LEU B 138 6.14 -1.35 6.27
C LEU B 138 7.45 -0.76 5.76
N SER B 139 8.04 -1.40 4.76
CA SER B 139 9.36 -1.01 4.28
C SER B 139 9.52 -1.02 2.77
N ASP B 140 10.64 -1.56 2.30
CA ASP B 140 10.95 -1.67 0.89
C ASP B 140 11.03 -0.35 0.12
N ASP B 141 11.60 0.69 0.74
CA ASP B 141 11.76 1.99 0.08
C ASP B 141 12.55 1.78 -1.21
N GLY B 142 12.15 2.47 -2.28
CA GLY B 142 12.88 2.37 -3.52
C GLY B 142 12.94 1.02 -4.22
N SER B 143 12.04 0.12 -3.86
CA SER B 143 12.00 -1.18 -4.52
C SER B 143 11.13 -1.01 -5.77
N ALA B 144 11.04 -2.05 -6.58
CA ALA B 144 10.20 -1.98 -7.78
C ALA B 144 8.75 -1.78 -7.37
N TYR B 145 8.37 -2.41 -6.25
CA TYR B 145 7.00 -2.28 -5.73
C TYR B 145 6.73 -0.83 -5.37
N TRP B 146 7.66 -0.25 -4.61
CA TRP B 146 7.54 1.13 -4.15
C TRP B 146 7.39 2.06 -5.35
N VAL B 147 8.19 1.82 -6.38
CA VAL B 147 8.18 2.62 -7.60
C VAL B 147 6.85 2.49 -8.35
N GLY B 148 6.38 1.25 -8.50
CA GLY B 148 5.13 1.00 -9.19
C GLY B 148 3.94 1.65 -8.50
N ARG B 149 3.95 1.64 -7.17
CA ARG B 149 2.87 2.25 -6.41
C ARG B 149 2.83 3.75 -6.67
N LYS B 150 3.99 4.39 -6.56
CA LYS B 150 4.09 5.83 -6.82
C LYS B 150 3.58 6.14 -8.23
N ALA B 151 3.93 5.29 -9.18
CA ALA B 151 3.52 5.48 -10.57
C ALA B 151 2.01 5.37 -10.68
N LEU B 152 1.43 4.35 -10.07
CA LEU B 152 -0.02 4.17 -10.11
C LEU B 152 -0.73 5.40 -9.55
N ARG B 153 -0.25 5.90 -8.42
CA ARG B 153 -0.87 7.04 -7.77
C ARG B 153 -0.75 8.31 -8.59
N LYS B 154 0.36 8.45 -9.32
CA LYS B 154 0.54 9.62 -10.17
C LYS B 154 -0.43 9.55 -11.35
N VAL B 155 -0.58 8.36 -11.93
CA VAL B 155 -1.48 8.18 -13.07
C VAL B 155 -2.94 8.48 -12.70
N LEU B 156 -3.33 8.10 -11.49
CA LEU B 156 -4.68 8.37 -11.04
C LEU B 156 -4.90 9.87 -11.00
N LYS B 157 -3.93 10.61 -10.48
CA LYS B 157 -4.06 12.05 -10.42
C LYS B 157 -4.15 12.67 -11.80
N MET B 158 -3.45 12.09 -12.78
CA MET B 158 -3.52 12.59 -14.14
C MET B 158 -4.92 12.35 -14.67
N MET B 159 -5.45 11.16 -14.40
CA MET B 159 -6.81 10.83 -14.83
C MET B 159 -7.80 11.81 -14.21
N ASP B 160 -7.53 12.22 -12.98
CA ASP B 160 -8.40 13.17 -12.28
C ASP B 160 -8.25 14.59 -12.82
N GLY B 161 -7.25 14.81 -13.67
CA GLY B 161 -7.04 16.13 -14.23
C GLY B 161 -6.25 17.07 -13.34
N LEU B 162 -5.74 16.57 -12.22
CA LEU B 162 -4.96 17.37 -11.28
C LEU B 162 -3.61 17.77 -11.89
N GLU B 163 -3.09 16.90 -12.76
CA GLU B 163 -1.81 17.12 -13.42
C GLU B 163 -1.93 16.61 -14.86
N ASN B 164 -1.14 17.18 -15.77
CA ASN B 164 -1.21 16.76 -17.17
C ASN B 164 -0.63 15.35 -17.36
N LYS B 165 -1.15 14.65 -18.36
CA LYS B 165 -0.68 13.30 -18.65
C LYS B 165 0.71 13.34 -19.31
N THR B 166 1.59 12.45 -18.89
CA THR B 166 2.93 12.39 -19.46
C THR B 166 3.13 11.01 -20.06
N ILE B 167 4.31 10.75 -20.64
CA ILE B 167 4.58 9.45 -21.24
C ILE B 167 4.27 8.31 -20.26
N LEU B 168 4.50 8.56 -18.98
CA LEU B 168 4.26 7.57 -17.92
C LEU B 168 2.84 7.00 -17.95
N TYR B 169 1.85 7.86 -18.19
CA TYR B 169 0.46 7.44 -18.23
C TYR B 169 0.21 6.21 -19.10
N ASN B 170 0.53 6.26 -20.38
CA ASN B 170 0.29 5.10 -21.23
C ASN B 170 1.22 3.91 -20.95
N LYS B 171 2.44 4.20 -20.55
CA LYS B 171 3.41 3.13 -20.25
C LYS B 171 2.83 2.27 -19.13
N VAL B 172 2.34 2.92 -18.08
CA VAL B 172 1.78 2.19 -16.95
C VAL B 172 0.56 1.40 -17.36
N LEU B 173 -0.38 2.04 -18.04
CA LEU B 173 -1.60 1.36 -18.47
C LEU B 173 -1.29 0.17 -19.37
N LYS B 174 -0.27 0.33 -20.22
CA LYS B 174 0.14 -0.74 -21.11
C LYS B 174 0.60 -1.95 -20.30
N THR B 175 1.39 -1.71 -19.25
CA THR B 175 1.92 -2.77 -18.41
C THR B 175 0.88 -3.66 -17.74
N ILE B 176 -0.17 -3.05 -17.20
CA ILE B 176 -1.21 -3.83 -16.53
C ILE B 176 -2.42 -4.07 -17.43
N ASN B 177 -2.29 -3.65 -18.68
CA ASN B 177 -3.34 -3.81 -19.69
C ASN B 177 -4.71 -3.22 -19.31
N VAL B 178 -4.74 -1.92 -19.05
CA VAL B 178 -5.98 -1.22 -18.74
C VAL B 178 -5.98 0.00 -19.65
N LYS B 179 -7.13 0.42 -20.12
CA LYS B 179 -7.18 1.56 -21.04
C LYS B 179 -7.70 2.88 -20.48
N ASP B 180 -8.33 2.85 -19.30
CA ASP B 180 -8.87 4.07 -18.72
C ASP B 180 -9.10 3.94 -17.21
N LEU B 181 -9.59 5.01 -16.60
CA LEU B 181 -9.85 5.03 -15.16
C LEU B 181 -10.77 3.90 -14.72
N ASP B 182 -11.80 3.64 -15.51
CA ASP B 182 -12.75 2.58 -15.17
C ASP B 182 -12.10 1.21 -15.07
N GLU B 183 -11.25 0.87 -16.03
CA GLU B 183 -10.58 -0.43 -15.99
C GLU B 183 -9.51 -0.45 -14.92
N LEU B 184 -8.91 0.70 -14.65
CA LEU B 184 -7.86 0.79 -13.63
C LEU B 184 -8.49 0.49 -12.26
N VAL B 185 -9.64 1.11 -11.99
CA VAL B 185 -10.33 0.90 -10.72
C VAL B 185 -10.71 -0.57 -10.60
N MET B 186 -11.25 -1.13 -11.68
CA MET B 186 -11.64 -2.53 -11.70
C MET B 186 -10.40 -3.40 -11.44
N TRP B 187 -9.28 -2.98 -12.03
CA TRP B 187 -8.02 -3.68 -11.87
C TRP B 187 -7.61 -3.70 -10.41
N SER B 188 -7.85 -2.58 -9.71
CA SER B 188 -7.47 -2.49 -8.30
C SER B 188 -8.31 -3.41 -7.41
N TYR B 189 -9.51 -3.76 -7.85
CA TYR B 189 -10.36 -4.64 -7.05
C TYR B 189 -9.77 -6.04 -6.85
N THR B 190 -9.06 -6.54 -7.86
CA THR B 190 -8.49 -7.87 -7.76
C THR B 190 -6.97 -7.93 -7.73
N SER B 191 -6.31 -6.80 -7.96
CA SER B 191 -4.85 -6.81 -8.00
C SER B 191 -4.13 -5.95 -6.99
N SER B 192 -4.86 -5.19 -6.18
CA SER B 192 -4.23 -4.32 -5.19
C SER B 192 -3.21 -4.99 -4.28
N CYS B 193 -3.45 -6.24 -3.89
CA CYS B 193 -2.50 -6.92 -3.03
C CYS B 193 -1.63 -7.93 -3.82
N GLN B 194 -1.49 -7.64 -5.12
CA GLN B 194 -0.68 -8.44 -6.06
C GLN B 194 0.69 -7.79 -6.14
N ILE B 195 1.59 -8.12 -5.20
CA ILE B 195 2.91 -7.51 -5.16
C ILE B 195 3.72 -7.52 -6.44
N ASP B 196 3.89 -8.70 -7.03
CA ASP B 196 4.66 -8.83 -8.27
C ASP B 196 4.10 -7.96 -9.38
N LEU B 197 2.78 -7.89 -9.47
CA LEU B 197 2.12 -7.11 -10.49
C LEU B 197 2.43 -5.61 -10.36
N VAL B 198 2.29 -5.08 -9.15
CA VAL B 198 2.56 -3.67 -8.92
C VAL B 198 4.03 -3.37 -9.22
N ALA B 199 4.90 -4.28 -8.81
CA ALA B 199 6.33 -4.13 -9.02
C ALA B 199 6.70 -4.10 -10.50
N SER B 200 5.98 -4.86 -11.32
CA SER B 200 6.26 -4.90 -12.76
C SER B 200 6.17 -3.51 -13.38
N ILE B 201 5.40 -2.63 -12.76
CA ILE B 201 5.21 -1.28 -13.27
C ILE B 201 6.49 -0.43 -13.24
N ALA B 202 7.46 -0.85 -12.42
CA ALA B 202 8.72 -0.09 -12.34
C ALA B 202 9.38 -0.03 -13.71
N LYS B 203 9.21 -1.06 -14.52
CA LYS B 203 9.80 -1.09 -15.86
C LYS B 203 9.22 0.03 -16.73
N ALA B 204 7.92 0.31 -16.54
CA ALA B 204 7.26 1.37 -17.31
C ALA B 204 7.82 2.72 -16.88
N VAL B 205 8.10 2.85 -15.58
CA VAL B 205 8.66 4.09 -15.08
C VAL B 205 10.04 4.32 -15.68
N ASP B 206 10.83 3.25 -15.80
CA ASP B 206 12.17 3.36 -16.37
C ASP B 206 12.08 3.77 -17.83
N GLU B 207 11.16 3.13 -18.56
CA GLU B 207 10.98 3.46 -19.96
C GLU B 207 10.58 4.91 -20.15
N ALA B 208 9.67 5.40 -19.30
CA ALA B 208 9.23 6.78 -19.39
C ALA B 208 10.37 7.74 -19.06
N ALA B 209 11.13 7.43 -18.02
CA ALA B 209 12.25 8.29 -17.62
C ALA B 209 13.28 8.38 -18.75
N ASN B 210 13.60 7.25 -19.38
CA ASN B 210 14.56 7.26 -20.47
C ASN B 210 14.06 8.11 -21.62
N GLU B 211 12.75 8.12 -21.83
CA GLU B 211 12.16 8.89 -22.91
C GLU B 211 11.92 10.36 -22.57
N GLY B 212 12.50 10.81 -21.47
CA GLY B 212 12.38 12.21 -21.10
C GLY B 212 11.28 12.66 -20.16
N ASP B 213 10.56 11.72 -19.55
CA ASP B 213 9.47 12.06 -18.64
C ASP B 213 10.05 12.40 -17.25
N THR B 214 10.01 13.68 -16.87
CA THR B 214 10.54 14.11 -15.57
C THR B 214 9.73 13.65 -14.37
N VAL B 215 8.46 13.34 -14.57
CA VAL B 215 7.63 12.85 -13.48
C VAL B 215 8.15 11.46 -13.10
N ALA B 216 8.46 10.66 -14.12
CA ALA B 216 8.99 9.33 -13.93
C ALA B 216 10.39 9.41 -13.35
N MET B 217 11.16 10.37 -13.85
CA MET B 217 12.53 10.57 -13.40
C MET B 217 12.53 10.89 -11.90
N ASP B 218 11.59 11.72 -11.48
CA ASP B 218 11.50 12.11 -10.08
C ASP B 218 11.15 10.95 -9.15
N ILE B 219 10.31 10.03 -9.62
CA ILE B 219 9.95 8.87 -8.80
C ILE B 219 11.21 8.03 -8.53
N LEU B 220 12.01 7.80 -9.58
CA LEU B 220 13.23 7.02 -9.44
C LEU B 220 14.21 7.72 -8.51
N LYS B 221 14.28 9.04 -8.61
CA LYS B 221 15.17 9.83 -7.76
C LYS B 221 14.81 9.65 -6.30
N GLN B 222 13.53 9.85 -5.98
CA GLN B 222 13.06 9.73 -4.61
C GLN B 222 13.28 8.36 -4.03
N GLY B 223 12.92 7.33 -4.79
CA GLY B 223 13.12 5.97 -4.30
C GLY B 223 14.59 5.65 -4.09
N ALA B 224 15.39 5.96 -5.10
CA ALA B 224 16.83 5.69 -5.02
C ALA B 224 17.50 6.39 -3.84
N GLU B 225 17.15 7.66 -3.61
CA GLU B 225 17.77 8.40 -2.53
C GLU B 225 17.31 7.92 -1.15
N LEU B 226 16.06 7.48 -1.06
CA LEU B 226 15.51 6.97 0.19
C LEU B 226 16.24 5.68 0.58
N LEU B 227 16.52 4.84 -0.40
CA LEU B 227 17.21 3.57 -0.15
C LEU B 227 18.71 3.81 0.02
N ALA B 228 19.25 4.74 -0.77
CA ALA B 228 20.68 5.05 -0.69
C ALA B 228 21.07 5.59 0.69
N SER B 229 20.18 6.39 1.29
CA SER B 229 20.49 6.94 2.62
C SER B 229 20.63 5.81 3.63
N GLN B 230 19.85 4.75 3.45
CA GLN B 230 19.92 3.59 4.34
C GLN B 230 21.24 2.85 4.14
N ALA B 231 21.67 2.76 2.88
CA ALA B 231 22.91 2.09 2.54
C ALA B 231 24.07 2.84 3.19
N VAL B 232 24.02 4.17 3.12
CA VAL B 232 25.06 5.01 3.69
C VAL B 232 25.08 4.80 5.20
N TYR B 233 23.89 4.73 5.80
CA TYR B 233 23.81 4.53 7.24
C TYR B 233 24.51 3.25 7.67
N LEU B 234 24.18 2.13 7.02
CA LEU B 234 24.79 0.86 7.40
C LEU B 234 26.28 0.78 7.06
N ALA B 235 26.67 1.36 5.93
CA ALA B 235 28.07 1.35 5.53
C ALA B 235 28.89 2.07 6.60
N ARG B 236 28.39 3.23 7.03
CA ARG B 236 29.05 4.03 8.06
C ARG B 236 29.07 3.28 9.39
N LYS B 237 27.99 2.55 9.68
CA LYS B 237 27.92 1.80 10.93
C LYS B 237 28.86 0.61 10.96
N ILE B 238 29.03 -0.02 9.80
CA ILE B 238 29.90 -1.19 9.68
C ILE B 238 31.37 -0.75 9.58
N GLY B 239 31.61 0.37 8.90
CA GLY B 239 32.96 0.85 8.74
C GLY B 239 33.56 0.54 7.39
N THR B 240 32.74 0.64 6.34
CA THR B 240 33.21 0.41 4.99
C THR B 240 32.76 1.57 4.12
N ASN B 241 33.57 1.93 3.15
CA ASN B 241 33.20 3.03 2.26
C ASN B 241 32.84 2.51 0.88
N LYS B 242 32.47 1.24 0.82
CA LYS B 242 32.06 0.64 -0.44
C LYS B 242 30.87 -0.30 -0.23
N VAL B 243 29.91 -0.24 -1.13
CA VAL B 243 28.74 -1.09 -1.05
C VAL B 243 28.50 -1.73 -2.40
N TYR B 244 27.90 -2.92 -2.40
CA TYR B 244 27.60 -3.60 -3.64
C TYR B 244 26.12 -3.39 -3.95
N LEU B 245 25.79 -3.28 -5.23
CA LEU B 245 24.41 -3.05 -5.64
C LEU B 245 23.88 -4.22 -6.46
N LYS B 246 22.71 -4.74 -6.06
CA LYS B 246 22.09 -5.85 -6.77
C LYS B 246 20.58 -5.69 -6.85
N GLY B 247 19.98 -6.32 -7.87
CA GLY B 247 18.54 -6.24 -8.00
C GLY B 247 18.08 -5.58 -9.29
N GLY B 248 16.87 -5.93 -9.72
CA GLY B 248 16.30 -5.39 -10.94
C GLY B 248 16.18 -3.88 -11.05
N MET B 249 16.03 -3.17 -9.93
CA MET B 249 15.93 -1.72 -10.00
C MET B 249 17.18 -1.10 -10.60
N PHE B 250 18.33 -1.72 -10.33
CA PHE B 250 19.58 -1.19 -10.85
C PHE B 250 19.76 -1.37 -12.36
N ARG B 251 18.79 -2.03 -12.99
CA ARG B 251 18.83 -2.19 -14.44
C ARG B 251 18.38 -0.87 -15.04
N SER B 252 17.75 -0.04 -14.21
CA SER B 252 17.28 1.27 -14.66
C SER B 252 18.51 2.19 -14.59
N ASN B 253 18.90 2.75 -15.73
CA ASN B 253 20.07 3.63 -15.77
C ASN B 253 19.91 4.87 -14.90
N ILE B 254 18.76 5.51 -15.00
CA ILE B 254 18.54 6.72 -14.22
C ILE B 254 18.43 6.44 -12.73
N TYR B 255 17.86 5.31 -12.36
CA TYR B 255 17.74 4.95 -10.95
C TYR B 255 19.14 4.73 -10.40
N HIS B 256 19.94 3.96 -11.14
CA HIS B 256 21.30 3.66 -10.73
C HIS B 256 22.11 4.95 -10.61
N LYS B 257 21.91 5.89 -11.53
CA LYS B 257 22.65 7.14 -11.49
C LYS B 257 22.32 7.98 -10.26
N PHE B 258 21.04 8.11 -9.93
CA PHE B 258 20.67 8.88 -8.76
C PHE B 258 21.24 8.21 -7.51
N PHE B 259 21.20 6.88 -7.49
CA PHE B 259 21.69 6.12 -6.36
C PHE B 259 23.18 6.37 -6.15
N THR B 260 23.96 6.25 -7.23
CA THR B 260 25.41 6.44 -7.12
C THR B 260 25.81 7.89 -6.87
N LEU B 261 25.05 8.83 -7.41
CA LEU B 261 25.38 10.23 -7.17
C LEU B 261 25.21 10.50 -5.68
N TYR B 262 24.19 9.90 -5.08
CA TYR B 262 23.93 10.08 -3.66
C TYR B 262 25.06 9.46 -2.85
N LEU B 263 25.47 8.24 -3.19
CA LEU B 263 26.56 7.57 -2.49
C LEU B 263 27.87 8.34 -2.62
N GLU B 264 28.16 8.81 -3.83
CA GLU B 264 29.38 9.56 -4.10
C GLU B 264 29.47 10.81 -3.23
N LYS B 265 28.36 11.55 -3.13
CA LYS B 265 28.35 12.75 -2.32
C LYS B 265 28.56 12.41 -0.85
N GLU B 266 28.29 11.17 -0.47
CA GLU B 266 28.49 10.73 0.91
C GLU B 266 29.82 9.98 1.07
N GLY B 267 30.65 10.05 0.04
CA GLY B 267 31.95 9.39 0.10
C GLY B 267 31.91 7.88 0.07
N ILE B 268 30.91 7.32 -0.59
CA ILE B 268 30.77 5.87 -0.70
C ILE B 268 30.98 5.41 -2.14
N ILE B 269 31.79 4.37 -2.30
CA ILE B 269 32.07 3.78 -3.60
C ILE B 269 31.10 2.62 -3.79
N SER B 270 30.71 2.33 -5.03
CA SER B 270 29.80 1.23 -5.26
C SER B 270 30.20 0.35 -6.43
N ASP B 271 29.78 -0.91 -6.37
CA ASP B 271 30.07 -1.89 -7.41
C ASP B 271 28.83 -2.75 -7.65
N LEU B 272 28.48 -2.97 -8.91
CA LEU B 272 27.34 -3.82 -9.23
C LEU B 272 27.78 -5.25 -8.95
N GLY B 273 26.88 -6.09 -8.46
CA GLY B 273 27.23 -7.47 -8.16
C GLY B 273 27.64 -8.25 -9.40
N LYS B 274 28.54 -9.21 -9.22
CA LYS B 274 29.00 -10.03 -10.34
C LYS B 274 28.97 -11.53 -10.06
N ARG B 275 28.63 -11.91 -8.83
CA ARG B 275 28.56 -13.33 -8.50
C ARG B 275 27.14 -13.73 -8.11
N SER B 276 26.87 -15.03 -8.18
CA SER B 276 25.56 -15.57 -7.85
C SER B 276 25.41 -15.76 -6.35
N PRO B 277 24.17 -15.74 -5.85
CA PRO B 277 23.91 -15.91 -4.42
C PRO B 277 24.37 -17.29 -3.93
N GLU B 278 24.08 -18.33 -4.71
CA GLU B 278 24.48 -19.68 -4.32
C GLU B 278 25.98 -19.80 -4.10
N ILE B 279 26.79 -19.17 -4.95
CA ILE B 279 28.23 -19.22 -4.77
C ILE B 279 28.56 -18.59 -3.42
N GLY B 280 27.79 -17.56 -3.07
CA GLY B 280 27.98 -16.90 -1.78
C GLY B 280 27.63 -17.85 -0.64
N ALA B 281 26.71 -18.78 -0.90
CA ALA B 281 26.30 -19.74 0.12
C ALA B 281 27.41 -20.77 0.33
N VAL B 282 28.10 -21.12 -0.77
CA VAL B 282 29.20 -22.07 -0.68
C VAL B 282 30.31 -21.40 0.13
N ILE B 283 30.48 -20.10 -0.09
CA ILE B 283 31.49 -19.30 0.62
C ILE B 283 31.15 -19.24 2.10
N LEU B 284 29.86 -19.19 2.40
CA LEU B 284 29.37 -19.15 3.77
C LEU B 284 29.79 -20.45 4.44
N ALA B 285 29.65 -21.55 3.72
CA ALA B 285 30.01 -22.86 4.24
C ALA B 285 31.53 -23.00 4.42
N TYR B 286 32.28 -22.60 3.40
CA TYR B 286 33.74 -22.67 3.44
C TYR B 286 34.26 -21.98 4.72
N LYS B 287 33.74 -20.78 4.98
CA LYS B 287 34.11 -20.01 6.15
C LYS B 287 33.88 -20.79 7.44
N GLU B 288 32.76 -21.49 7.50
CA GLU B 288 32.37 -22.26 8.68
C GLU B 288 33.19 -23.52 8.91
N VAL B 289 33.52 -24.25 7.84
CA VAL B 289 34.26 -25.49 7.97
C VAL B 289 35.78 -25.40 7.76
N GLY B 290 36.25 -24.26 7.26
CA GLY B 290 37.68 -24.10 7.08
C GLY B 290 38.25 -24.38 5.70
N CYS B 291 37.42 -24.45 4.67
CA CYS B 291 37.92 -24.70 3.33
C CYS B 291 38.36 -23.35 2.75
N ASP B 292 39.51 -23.35 2.09
CA ASP B 292 40.06 -22.13 1.52
C ASP B 292 39.29 -21.54 0.36
N ILE B 293 38.69 -20.39 0.61
CA ILE B 293 37.89 -19.67 -0.38
C ILE B 293 38.71 -19.35 -1.63
N LYS B 294 40.03 -19.26 -1.48
CA LYS B 294 40.88 -18.97 -2.63
C LYS B 294 40.87 -20.07 -3.68
N LYS B 295 40.69 -21.31 -3.23
CA LYS B 295 40.63 -22.43 -4.16
C LYS B 295 39.32 -22.41 -4.91
N LEU B 296 38.32 -21.74 -4.34
CA LEU B 296 36.99 -21.65 -4.93
C LEU B 296 36.89 -20.51 -5.93
N ILE B 297 37.32 -19.32 -5.53
CA ILE B 297 37.27 -18.15 -6.40
C ILE B 297 38.66 -17.58 -6.66
S SO4 C . 2.13 8.74 -0.68
O1 SO4 C . 0.97 9.56 -1.05
O2 SO4 C . 2.62 8.00 -1.87
O3 SO4 C . 3.21 9.61 -0.18
O4 SO4 C . 1.75 7.78 0.37
PB ADP D . -15.60 5.51 7.50
O1B ADP D . -14.65 6.44 6.84
O2B ADP D . -16.97 5.53 6.91
O3B ADP D . -15.00 4.05 7.61
PA ADP D . -15.32 7.42 9.68
O1A ADP D . -15.54 8.56 8.72
O2A ADP D . -15.98 7.56 11.03
O3A ADP D . -15.77 6.07 9.00
O5' ADP D . -13.73 7.30 9.74
C5' ADP D . -13.06 6.75 10.92
C4' ADP D . -11.55 6.63 10.72
O4' ADP D . -10.88 7.85 11.09
C3' ADP D . -10.82 5.50 11.48
O3' ADP D . -10.00 4.80 10.52
C2' ADP D . -10.05 6.22 12.59
O2' ADP D . -8.72 5.70 12.82
C1' ADP D . -9.95 7.66 12.14
N9 ADP D . -10.15 8.64 13.26
C8 ADP D . -11.26 8.84 14.04
N7 ADP D . -11.07 9.81 14.96
C5 ADP D . -9.79 10.21 14.76
C6 ADP D . -8.98 11.22 15.42
N6 ADP D . -9.34 11.97 16.41
N1 ADP D . -7.70 11.35 14.91
C2 ADP D . -7.21 10.58 13.84
N3 ADP D . -7.95 9.64 13.23
C4 ADP D . -9.21 9.51 13.71
S SO4 E . 6.35 6.53 0.80
O1 SO4 E . 7.63 5.88 1.15
O2 SO4 E . 5.62 5.72 -0.18
O3 SO4 E . 5.53 6.68 2.02
O4 SO4 E . 6.63 7.86 0.23
S SO4 F . 25.86 -37.63 -13.25
O1 SO4 F . 24.90 -36.81 -12.50
O2 SO4 F . 25.63 -37.44 -14.70
O3 SO4 F . 27.23 -37.20 -12.92
O4 SO4 F . 25.68 -39.06 -12.92
PB ADP G . 13.30 -10.17 -7.27
O1B ADP G . 13.58 -8.83 -6.70
O2B ADP G . 14.09 -11.28 -6.62
O3B ADP G . 11.76 -10.47 -7.30
PA ADP G . 14.64 -9.01 -9.60
O1A ADP G . 15.78 -8.52 -8.72
O2A ADP G . 15.05 -9.54 -10.95
O3A ADP G . 13.82 -10.11 -8.80
O5' ADP G . 13.66 -7.76 -9.64
C5' ADP G . 12.84 -7.48 -10.81
C4' ADP G . 11.94 -6.27 -10.61
O4' ADP G . 12.61 -5.05 -11.02
C3' ADP G . 10.57 -6.26 -11.33
O3' ADP G . 9.56 -5.94 -10.37
C2' ADP G . 10.75 -5.22 -12.46
O2' ADP G . 9.62 -4.36 -12.67
C1' ADP G . 11.94 -4.36 -12.05
N9 ADP G . 12.83 -4.05 -13.23
C8 ADP G . 13.45 -4.90 -14.08
N7 ADP G . 14.16 -4.26 -15.03
C5 ADP G . 13.94 -2.94 -14.76
C6 ADP G . 14.40 -1.73 -15.40
N6 ADP G . 15.16 -1.66 -16.43
N1 ADP G . 13.96 -0.57 -14.80
C2 ADP G . 13.14 -0.55 -13.68
N3 ADP G . 12.70 -1.65 -13.08
C4 ADP G . 13.13 -2.80 -13.64
N1 EPE H . 8.98 15.31 -23.99
C2 EPE H . 8.77 15.06 -25.44
C3 EPE H . 9.91 15.73 -26.26
N4 EPE H . 11.23 15.15 -25.85
C5 EPE H . 11.41 15.42 -24.40
C6 EPE H . 10.29 14.71 -23.60
C7 EPE H . 12.33 15.81 -26.64
C8 EPE H . 13.67 15.15 -26.16
O8 EPE H . 14.49 14.70 -27.26
C9 EPE H . 7.85 14.67 -23.25
C10 EPE H . 7.90 14.81 -21.71
S EPE H . 6.39 13.96 -21.11
O1S EPE H . 5.24 14.66 -21.49
O2S EPE H . 6.50 12.61 -21.49
O3S EPE H . 6.40 14.02 -19.58
#